data_9KW4
#
_entry.id   9KW4
#
_cell.length_a   52.286
_cell.length_b   53.481
_cell.length_c   140.050
_cell.angle_alpha   90.000
_cell.angle_beta   90.000
_cell.angle_gamma   90.000
#
_symmetry.space_group_name_H-M   'P 21 21 21'
#
loop_
_entity.id
_entity.type
_entity.pdbx_description
1 polymer 'Vitamin D3 dihydroxylase'
2 non-polymer 'PROTOPORPHYRIN IX CONTAINING FE'
3 non-polymer 1-[(2S)-2-(2,4-dichlorophenyl)-2-[(2,4-dichlorophenyl)methoxy]ethyl]imidazole
4 non-polymer 2-AMINO-2-HYDROXYMETHYL-PROPANE-1,3-DIOL
5 water water
#
_entity_poly.entity_id   1
_entity_poly.type   'polypeptide(L)'
_entity_poly.pdbx_seq_one_letter_code
;MTDTATTPQTTDAPAFPSNRSCPYQLPDGYAQLRDTPGPLHRVTLYDGRQAWVVTKHEAARKLLGDPRLSSNRTDDNFPA
TSPAFEAVRESPQAFIGLDPPEHGTRRRMTISEFTVKRIKGMRPEVEEVVHGFLDEMLAAGPTADLVSQFALPVPSMVIC
RLLGVPYADHEFFQDASKRLVQSTDAQSALTARNDLAGYLDGLITQFQTEPGAGLVGALVADQLANGEIDREELISTAML
LLIAGHETTASMTSLSVITLLDHPEQYAALRADRSLVPGAVEELLRYLAIADIAGGRVATADIEVEGQLIRAGEGVIVVN
SIANRDGTVYEDPDALDIHRSARHHLAFGFGVHQCLGQNLARLELEVILNALMDRVPTLRLAVPVEQLVLRPGTTIQGVN
ELPVTWHHHHHH
;
_entity_poly.pdbx_strand_id   A
#
# COMPACT_ATOMS: atom_id res chain seq x y z
N THR A 7 -25.47 7.52 -30.22
CA THR A 7 -24.16 7.43 -30.87
C THR A 7 -23.00 8.09 -30.10
N PRO A 8 -23.17 9.27 -29.48
CA PRO A 8 -22.11 9.78 -28.61
C PRO A 8 -21.90 8.85 -27.43
N GLN A 9 -20.63 8.68 -27.04
CA GLN A 9 -20.27 7.71 -26.01
C GLN A 9 -20.04 8.34 -24.64
N THR A 10 -20.07 9.67 -24.54
CA THR A 10 -19.93 10.38 -23.27
C THR A 10 -20.83 9.77 -22.20
N THR A 11 -20.27 9.57 -21.01
CA THR A 11 -21.02 9.02 -19.90
C THR A 11 -20.80 9.91 -18.68
N ASP A 12 -21.70 9.82 -17.72
CA ASP A 12 -21.47 10.51 -16.45
C ASP A 12 -21.02 9.55 -15.37
N ALA A 13 -20.65 8.32 -15.74
CA ALA A 13 -20.17 7.29 -14.80
C ALA A 13 -19.02 6.55 -15.46
N PRO A 14 -17.87 7.21 -15.62
CA PRO A 14 -16.76 6.60 -16.35
C PRO A 14 -16.28 5.33 -15.66
N ALA A 15 -15.61 4.48 -16.44
CA ALA A 15 -15.10 3.23 -15.90
C ALA A 15 -14.02 3.54 -14.88
N PHE A 16 -14.01 2.78 -13.79
CA PHE A 16 -13.07 2.96 -12.68
C PHE A 16 -12.62 1.57 -12.24
N PRO A 17 -11.32 1.38 -11.96
CA PRO A 17 -10.21 2.36 -11.99
C PRO A 17 -9.60 2.65 -13.37
N SER A 18 -8.75 3.66 -13.47
CA SER A 18 -7.98 3.93 -14.68
C SER A 18 -6.54 3.49 -14.43
N ASN A 19 -5.79 3.38 -15.52
CA ASN A 19 -4.40 2.97 -15.42
C ASN A 19 -3.50 4.17 -15.63
N ARG A 20 -2.40 4.21 -14.86
CA ARG A 20 -1.39 5.21 -15.11
C ARG A 20 -0.65 4.90 -16.41
N SER A 21 -0.38 5.96 -17.16
CA SER A 21 0.53 5.90 -18.30
C SER A 21 1.90 6.45 -17.95
N CYS A 22 1.97 7.35 -16.97
CA CYS A 22 3.20 7.84 -16.37
C CYS A 22 3.24 7.44 -14.91
N PRO A 23 4.39 6.96 -14.41
CA PRO A 23 4.44 6.46 -13.04
C PRO A 23 3.96 7.45 -11.98
N TYR A 24 4.19 8.75 -12.16
CA TYR A 24 3.87 9.73 -11.12
C TYR A 24 2.85 10.78 -11.57
N GLN A 25 2.09 10.50 -12.62
CA GLN A 25 1.05 11.41 -13.06
C GLN A 25 -0.33 10.77 -12.87
N LEU A 26 -1.32 11.59 -12.54
CA LEU A 26 -2.70 11.14 -12.55
C LEU A 26 -3.06 10.61 -13.93
N PRO A 27 -3.76 9.49 -14.02
CA PRO A 27 -4.39 9.13 -15.28
C PRO A 27 -5.31 10.24 -15.74
N ASP A 28 -5.45 10.36 -17.07
CA ASP A 28 -6.25 11.47 -17.62
C ASP A 28 -7.65 11.50 -17.03
N GLY A 29 -8.27 10.33 -16.88
CA GLY A 29 -9.61 10.30 -16.30
C GLY A 29 -9.65 10.78 -14.87
N TYR A 30 -8.57 10.54 -14.11
CA TYR A 30 -8.51 11.00 -12.72
C TYR A 30 -8.33 12.51 -12.66
N ALA A 31 -7.50 13.06 -13.54
CA ALA A 31 -7.40 14.52 -13.64
C ALA A 31 -8.77 15.12 -13.91
N GLN A 32 -9.57 14.45 -14.75
CA GLN A 32 -10.92 14.92 -15.01
C GLN A 32 -11.77 14.90 -13.74
N LEU A 33 -11.70 13.80 -12.98
CA LEU A 33 -12.45 13.74 -11.73
C LEU A 33 -11.95 14.77 -10.73
N ARG A 34 -10.64 15.03 -10.71
CA ARG A 34 -10.06 16.01 -9.79
C ARG A 34 -10.60 17.40 -10.08
N ASP A 35 -10.75 17.73 -11.36
CA ASP A 35 -11.19 19.07 -11.75
C ASP A 35 -12.69 19.28 -11.61
N THR A 36 -13.48 18.22 -11.63
CA THR A 36 -14.93 18.37 -11.53
C THR A 36 -15.33 18.76 -10.12
N PRO A 37 -16.01 19.88 -9.92
CA PRO A 37 -16.43 20.27 -8.57
C PRO A 37 -17.27 19.20 -7.90
N GLY A 38 -17.31 19.27 -6.58
CA GLY A 38 -18.09 18.34 -5.80
C GLY A 38 -17.23 17.26 -5.16
N PRO A 39 -17.60 16.82 -3.97
CA PRO A 39 -16.79 15.79 -3.29
C PRO A 39 -16.91 14.41 -3.94
N LEU A 40 -18.00 14.10 -4.65
CA LEU A 40 -18.30 12.76 -5.10
C LEU A 40 -18.50 12.72 -6.60
N HIS A 41 -18.26 11.54 -7.18
CA HIS A 41 -18.56 11.34 -8.60
C HIS A 41 -18.96 9.90 -8.85
N ARG A 42 -19.94 9.71 -9.73
CA ARG A 42 -20.32 8.35 -10.10
C ARG A 42 -19.24 7.72 -10.98
N VAL A 43 -19.06 6.41 -10.82
CA VAL A 43 -18.22 5.62 -11.70
C VAL A 43 -18.91 4.28 -11.96
N THR A 44 -18.38 3.55 -12.95
CA THR A 44 -18.84 2.20 -13.26
C THR A 44 -17.70 1.23 -13.01
N LEU A 45 -17.95 0.23 -12.18
CA LEU A 45 -16.95 -0.78 -11.87
C LEU A 45 -16.95 -1.89 -12.93
N TYR A 46 -16.00 -2.82 -12.79
CA TYR A 46 -15.73 -3.79 -13.86
C TYR A 46 -16.96 -4.62 -14.20
N ASP A 47 -17.87 -4.79 -13.26
CA ASP A 47 -19.03 -5.67 -13.43
C ASP A 47 -20.30 -4.91 -13.80
N GLY A 48 -20.18 -3.64 -14.20
CA GLY A 48 -21.32 -2.85 -14.57
C GLY A 48 -22.01 -2.08 -13.45
N ARG A 49 -21.66 -2.34 -12.19
N ARG A 49 -21.67 -2.36 -12.19
CA ARG A 49 -22.34 -1.68 -11.08
CA ARG A 49 -22.32 -1.65 -11.09
C ARG A 49 -21.83 -0.27 -10.86
C ARG A 49 -21.80 -0.23 -10.96
N GLN A 50 -22.73 0.65 -10.53
N GLN A 50 -22.69 0.68 -10.56
CA GLN A 50 -22.37 2.02 -10.23
CA GLN A 50 -22.30 2.05 -10.30
C GLN A 50 -21.84 2.12 -8.79
C GLN A 50 -21.93 2.23 -8.84
N ALA A 51 -20.90 3.04 -8.60
CA ALA A 51 -20.40 3.33 -7.27
C ALA A 51 -19.98 4.80 -7.22
N TRP A 52 -19.72 5.29 -6.01
CA TRP A 52 -19.23 6.65 -5.82
C TRP A 52 -17.72 6.63 -5.58
N VAL A 53 -17.02 7.62 -6.12
CA VAL A 53 -15.64 7.91 -5.72
C VAL A 53 -15.62 9.26 -5.03
N VAL A 54 -14.80 9.38 -3.99
CA VAL A 54 -14.54 10.64 -3.30
C VAL A 54 -13.27 11.22 -3.90
N THR A 55 -13.33 12.49 -4.33
CA THR A 55 -12.27 13.05 -5.14
C THR A 55 -11.66 14.33 -4.57
N LYS A 56 -12.08 14.78 -3.39
CA LYS A 56 -11.59 15.99 -2.77
C LYS A 56 -11.07 15.67 -1.38
N HIS A 57 -10.17 16.53 -0.89
CA HIS A 57 -9.32 16.14 0.24
C HIS A 57 -10.08 16.15 1.57
N GLU A 58 -10.73 17.26 1.94
CA GLU A 58 -11.41 17.26 3.23
C GLU A 58 -12.59 16.30 3.22
N ALA A 59 -13.30 16.21 2.10
CA ALA A 59 -14.42 15.26 2.03
C ALA A 59 -13.94 13.82 2.21
N ALA A 60 -12.74 13.50 1.69
CA ALA A 60 -12.16 12.18 1.89
C ALA A 60 -11.88 11.89 3.37
N ARG A 61 -11.26 12.84 4.07
CA ARG A 61 -11.08 12.68 5.52
C ARG A 61 -12.41 12.51 6.21
N LYS A 62 -13.40 13.32 5.85
CA LYS A 62 -14.69 13.24 6.52
C LYS A 62 -15.31 11.85 6.33
N LEU A 63 -15.25 11.31 5.11
CA LEU A 63 -15.91 10.04 4.87
C LEU A 63 -15.11 8.87 5.43
N LEU A 64 -13.78 8.98 5.43
CA LEU A 64 -12.98 7.97 6.10
C LEU A 64 -13.26 7.93 7.60
N GLY A 65 -13.65 9.05 8.19
CA GLY A 65 -13.98 9.08 9.60
C GLY A 65 -15.41 8.76 9.93
N ASP A 66 -16.27 8.58 8.93
CA ASP A 66 -17.69 8.38 9.17
C ASP A 66 -17.97 6.90 9.39
N PRO A 67 -18.44 6.48 10.57
CA PRO A 67 -18.65 5.05 10.81
C PRO A 67 -19.71 4.44 9.91
N ARG A 68 -20.55 5.26 9.29
CA ARG A 68 -21.56 4.78 8.37
C ARG A 68 -20.97 4.25 7.07
N LEU A 69 -19.71 4.53 6.79
CA LEU A 69 -19.01 3.93 5.66
C LEU A 69 -18.20 2.77 6.22
N SER A 70 -18.73 1.56 6.03
CA SER A 70 -18.19 0.34 6.61
C SER A 70 -17.02 -0.19 5.78
N SER A 71 -16.07 -0.82 6.47
CA SER A 71 -14.92 -1.46 5.82
C SER A 71 -15.14 -2.94 5.53
N ASN A 72 -16.37 -3.44 5.67
CA ASN A 72 -16.68 -4.87 5.61
C ASN A 72 -16.67 -5.36 4.16
N ARG A 73 -15.60 -6.05 3.76
N ARG A 73 -15.60 -6.04 3.77
CA ARG A 73 -15.51 -6.51 2.38
CA ARG A 73 -15.50 -6.50 2.38
C ARG A 73 -16.45 -7.66 2.08
C ARG A 73 -16.43 -7.68 2.08
N THR A 74 -16.97 -8.35 3.09
CA THR A 74 -17.86 -9.48 2.83
C THR A 74 -19.28 -9.03 2.53
N ASP A 75 -19.57 -7.74 2.71
CA ASP A 75 -20.84 -7.18 2.28
C ASP A 75 -21.00 -7.36 0.78
N ASP A 76 -22.18 -7.83 0.35
CA ASP A 76 -22.42 -8.05 -1.08
C ASP A 76 -22.28 -6.78 -1.91
N ASN A 77 -22.46 -5.60 -1.30
CA ASN A 77 -22.40 -4.34 -2.02
C ASN A 77 -21.04 -3.67 -1.94
N PHE A 78 -20.05 -4.32 -1.35
CA PHE A 78 -18.73 -3.69 -1.28
C PHE A 78 -18.19 -3.47 -2.70
N PRO A 79 -17.57 -2.32 -2.97
CA PRO A 79 -17.09 -1.97 -4.33
C PRO A 79 -15.80 -2.68 -4.74
N ALA A 80 -15.95 -3.93 -5.17
CA ALA A 80 -14.86 -4.67 -5.78
C ALA A 80 -14.49 -4.09 -7.14
N THR A 81 -13.19 -3.89 -7.39
CA THR A 81 -12.76 -3.32 -8.65
C THR A 81 -12.24 -4.37 -9.62
N SER A 82 -12.22 -5.64 -9.25
CA SER A 82 -11.77 -6.68 -10.16
C SER A 82 -12.27 -8.02 -9.65
N PRO A 83 -12.31 -9.05 -10.51
CA PRO A 83 -12.71 -10.39 -10.05
C PRO A 83 -11.80 -10.94 -8.96
N ALA A 84 -10.54 -10.54 -8.93
CA ALA A 84 -9.61 -11.06 -7.93
C ALA A 84 -10.03 -10.70 -6.51
N PHE A 85 -10.95 -9.74 -6.36
CA PHE A 85 -11.37 -9.29 -5.04
C PHE A 85 -11.97 -10.40 -4.19
N GLU A 86 -12.47 -11.48 -4.81
CA GLU A 86 -13.16 -12.50 -4.04
C GLU A 86 -12.24 -13.26 -3.09
N ALA A 87 -10.93 -13.19 -3.28
CA ALA A 87 -10.00 -13.74 -2.30
C ALA A 87 -9.88 -12.85 -1.06
N VAL A 88 -10.00 -11.53 -1.23
CA VAL A 88 -10.01 -10.64 -0.07
C VAL A 88 -11.37 -10.72 0.63
N ARG A 89 -12.42 -11.09 -0.10
CA ARG A 89 -13.75 -11.37 0.45
C ARG A 89 -13.82 -12.73 1.14
N GLU A 90 -12.67 -13.40 1.29
CA GLU A 90 -12.61 -14.68 1.97
C GLU A 90 -12.64 -14.48 3.48
N SER A 91 -13.48 -15.23 4.15
CA SER A 91 -13.51 -15.14 5.58
C SER A 91 -12.33 -15.89 6.18
N PRO A 92 -11.95 -15.56 7.42
CA PRO A 92 -12.39 -14.37 8.15
C PRO A 92 -11.59 -13.18 7.66
N GLN A 93 -12.03 -11.97 7.97
N GLN A 93 -12.05 -11.99 8.02
CA GLN A 93 -11.31 -10.78 7.58
CA GLN A 93 -11.37 -10.74 7.68
C GLN A 93 -10.30 -10.39 8.65
C GLN A 93 -10.26 -10.45 8.69
N ALA A 94 -9.14 -9.93 8.20
CA ALA A 94 -8.20 -9.25 9.09
C ALA A 94 -8.80 -7.89 9.48
N PHE A 95 -8.18 -7.23 10.47
CA PHE A 95 -8.87 -6.07 11.01
C PHE A 95 -9.01 -4.91 10.01
N ILE A 96 -8.31 -4.96 8.87
CA ILE A 96 -8.52 -3.95 7.83
C ILE A 96 -9.95 -4.01 7.31
N GLY A 97 -10.60 -5.17 7.42
CA GLY A 97 -11.97 -5.34 6.99
C GLY A 97 -13.01 -5.34 8.11
N LEU A 98 -12.64 -4.96 9.32
CA LEU A 98 -13.56 -4.92 10.44
C LEU A 98 -13.94 -3.49 10.78
N ASP A 99 -15.10 -3.34 11.41
CA ASP A 99 -15.53 -2.05 11.93
C ASP A 99 -15.38 -2.01 13.45
N PRO A 100 -15.35 -0.83 14.05
CA PRO A 100 -15.45 -0.74 15.51
C PRO A 100 -16.73 -1.39 15.99
N PRO A 101 -16.71 -2.13 17.12
CA PRO A 101 -15.61 -2.32 18.07
C PRO A 101 -14.67 -3.49 17.75
N GLU A 102 -15.02 -4.39 16.83
CA GLU A 102 -14.15 -5.54 16.55
C GLU A 102 -12.81 -5.09 16.01
N HIS A 103 -12.80 -4.07 15.14
CA HIS A 103 -11.56 -3.57 14.56
C HIS A 103 -10.52 -3.29 15.63
N GLY A 104 -10.91 -2.55 16.67
CA GLY A 104 -9.97 -2.18 17.70
C GLY A 104 -9.40 -3.36 18.48
N THR A 105 -10.25 -4.35 18.80
CA THR A 105 -9.75 -5.46 19.63
C THR A 105 -8.71 -6.27 18.87
N ARG A 106 -8.85 -6.39 17.54
N ARG A 106 -8.86 -6.40 17.55
CA ARG A 106 -7.86 -7.12 16.75
CA ARG A 106 -7.86 -7.12 16.77
C ARG A 106 -6.63 -6.27 16.45
C ARG A 106 -6.63 -6.26 16.48
N ARG A 107 -6.83 -5.00 16.09
CA ARG A 107 -5.68 -4.16 15.79
C ARG A 107 -4.75 -4.04 16.98
N ARG A 108 -5.32 -3.93 18.19
N ARG A 108 -5.32 -3.91 18.19
CA ARG A 108 -4.47 -3.77 19.36
CA ARG A 108 -4.51 -3.79 19.39
C ARG A 108 -3.68 -5.02 19.70
C ARG A 108 -3.61 -4.99 19.62
N MET A 109 -3.95 -6.16 19.05
CA MET A 109 -3.08 -7.32 19.22
C MET A 109 -1.77 -7.17 18.46
N THR A 110 -1.68 -6.21 17.55
CA THR A 110 -0.52 -6.09 16.69
C THR A 110 0.24 -4.78 16.88
N ILE A 111 -0.31 -3.80 17.59
CA ILE A 111 0.25 -2.47 17.51
C ILE A 111 1.63 -2.38 18.13
N SER A 112 1.95 -3.27 19.08
CA SER A 112 3.21 -3.14 19.82
C SER A 112 4.43 -3.31 18.93
N GLU A 113 4.29 -3.96 17.79
CA GLU A 113 5.40 -4.13 16.85
C GLU A 113 5.61 -2.92 15.96
N PHE A 114 4.71 -1.94 15.99
CA PHE A 114 4.76 -0.83 15.06
C PHE A 114 4.85 0.53 15.75
N THR A 115 5.11 0.55 17.06
CA THR A 115 5.25 1.79 17.81
C THR A 115 6.46 2.59 17.34
N VAL A 116 6.46 3.88 17.68
CA VAL A 116 7.62 4.71 17.34
C VAL A 116 8.87 4.21 18.02
N LYS A 117 8.75 3.72 19.25
CA LYS A 117 9.92 3.21 19.95
C LYS A 117 10.45 1.96 19.25
N ARG A 118 9.56 1.06 18.83
N ARG A 118 9.56 1.06 18.83
CA ARG A 118 9.98 -0.15 18.14
CA ARG A 118 10.00 -0.15 18.15
C ARG A 118 10.58 0.18 16.78
C ARG A 118 10.60 0.18 16.78
N ILE A 119 9.98 1.12 16.05
CA ILE A 119 10.50 1.48 14.73
C ILE A 119 11.89 2.08 14.86
N LYS A 120 12.10 2.91 15.89
CA LYS A 120 13.43 3.44 16.14
C LYS A 120 14.43 2.34 16.44
N GLY A 121 14.04 1.38 17.28
CA GLY A 121 14.90 0.25 17.54
C GLY A 121 15.26 -0.55 16.31
N MET A 122 14.40 -0.53 15.29
CA MET A 122 14.65 -1.26 14.05
C MET A 122 15.64 -0.57 13.11
N ARG A 123 15.95 0.69 13.33
CA ARG A 123 16.76 1.40 12.34
C ARG A 123 18.10 0.73 12.06
N PRO A 124 18.89 0.29 13.05
CA PRO A 124 20.14 -0.42 12.71
C PRO A 124 19.90 -1.65 11.86
N GLU A 125 18.89 -2.44 12.19
N GLU A 125 18.88 -2.45 12.17
CA GLU A 125 18.60 -3.65 11.42
CA GLU A 125 18.62 -3.66 11.40
C GLU A 125 18.20 -3.33 9.98
C GLU A 125 18.19 -3.35 9.98
N VAL A 126 17.37 -2.31 9.80
CA VAL A 126 16.95 -1.92 8.45
C VAL A 126 18.15 -1.43 7.65
N GLU A 127 19.00 -0.61 8.27
CA GLU A 127 20.21 -0.18 7.58
C GLU A 127 21.10 -1.37 7.23
N GLU A 128 21.21 -2.34 8.13
CA GLU A 128 22.03 -3.51 7.80
C GLU A 128 21.47 -4.26 6.60
N VAL A 129 20.14 -4.47 6.58
CA VAL A 129 19.52 -5.18 5.45
C VAL A 129 19.69 -4.41 4.16
N VAL A 130 19.47 -3.09 4.20
CA VAL A 130 19.57 -2.27 2.99
C VAL A 130 20.97 -2.31 2.42
N HIS A 131 21.97 -2.14 3.27
CA HIS A 131 23.34 -2.12 2.77
C HIS A 131 23.83 -3.51 2.38
N GLY A 132 23.31 -4.55 3.03
CA GLY A 132 23.64 -5.91 2.62
C GLY A 132 23.18 -6.22 1.21
N PHE A 133 21.92 -5.91 0.90
CA PHE A 133 21.47 -6.15 -0.46
C PHE A 133 22.12 -5.17 -1.45
N LEU A 134 22.56 -3.99 -1.00
CA LEU A 134 23.35 -3.13 -1.88
C LEU A 134 24.75 -3.69 -2.11
N ASP A 135 25.42 -4.13 -1.03
CA ASP A 135 26.67 -4.87 -1.15
C ASP A 135 26.59 -5.86 -2.30
N GLU A 136 25.56 -6.70 -2.28
CA GLU A 136 25.45 -7.80 -3.23
C GLU A 136 25.19 -7.30 -4.63
N MET A 137 24.25 -6.36 -4.79
CA MET A 137 23.90 -5.88 -6.12
C MET A 137 25.06 -5.13 -6.75
N LEU A 138 25.82 -4.38 -5.94
CA LEU A 138 26.94 -3.60 -6.45
C LEU A 138 28.19 -4.46 -6.65
N ALA A 139 28.38 -5.50 -5.84
CA ALA A 139 29.49 -6.42 -6.07
C ALA A 139 29.41 -7.06 -7.44
N ALA A 140 28.19 -7.41 -7.87
CA ALA A 140 27.97 -8.04 -9.16
C ALA A 140 28.02 -7.07 -10.33
N GLY A 141 27.87 -5.76 -10.09
CA GLY A 141 27.99 -4.77 -11.13
C GLY A 141 26.77 -4.68 -12.04
N PRO A 142 26.67 -3.58 -12.79
CA PRO A 142 25.49 -3.33 -13.61
C PRO A 142 25.46 -4.21 -14.85
N THR A 143 24.28 -4.31 -15.45
CA THR A 143 23.03 -3.72 -15.01
C THR A 143 22.30 -4.67 -14.06
N ALA A 144 21.21 -4.18 -13.47
CA ALA A 144 20.42 -4.98 -12.54
C ALA A 144 18.98 -4.54 -12.60
N ASP A 145 18.09 -5.47 -12.25
CA ASP A 145 16.68 -5.16 -11.99
C ASP A 145 16.56 -4.70 -10.54
N LEU A 146 16.31 -3.40 -10.32
CA LEU A 146 16.26 -2.89 -8.96
C LEU A 146 15.16 -3.57 -8.15
N VAL A 147 14.10 -4.03 -8.81
CA VAL A 147 12.96 -4.60 -8.09
C VAL A 147 13.36 -5.95 -7.46
N SER A 148 13.71 -6.93 -8.28
CA SER A 148 14.04 -8.25 -7.74
C SER A 148 15.29 -8.23 -6.87
N GLN A 149 16.21 -7.30 -7.13
CA GLN A 149 17.50 -7.35 -6.43
C GLN A 149 17.55 -6.49 -5.19
N PHE A 150 16.59 -5.58 -4.98
CA PHE A 150 16.71 -4.63 -3.89
C PHE A 150 15.35 -4.20 -3.35
N ALA A 151 14.47 -3.69 -4.21
CA ALA A 151 13.25 -3.07 -3.72
C ALA A 151 12.36 -4.07 -3.00
N LEU A 152 12.31 -5.31 -3.51
CA LEU A 152 11.45 -6.33 -2.89
C LEU A 152 12.15 -7.08 -1.75
N PRO A 153 13.39 -7.58 -1.91
CA PRO A 153 13.98 -8.36 -0.81
C PRO A 153 14.19 -7.58 0.48
N VAL A 154 14.52 -6.29 0.41
CA VAL A 154 14.76 -5.51 1.63
C VAL A 154 13.52 -5.52 2.51
N PRO A 155 12.35 -5.04 2.07
CA PRO A 155 11.20 -5.04 3.00
C PRO A 155 10.72 -6.44 3.35
N SER A 156 10.93 -7.41 2.46
CA SER A 156 10.61 -8.79 2.75
C SER A 156 11.41 -9.29 3.95
N MET A 157 12.73 -9.08 3.94
CA MET A 157 13.55 -9.56 5.03
C MET A 157 13.16 -8.88 6.34
N VAL A 158 12.84 -7.58 6.27
CA VAL A 158 12.48 -6.83 7.47
C VAL A 158 11.15 -7.34 8.04
N ILE A 159 10.14 -7.50 7.19
CA ILE A 159 8.83 -7.86 7.74
C ILE A 159 8.83 -9.30 8.20
N CYS A 160 9.66 -10.17 7.59
CA CYS A 160 9.78 -11.55 8.06
C CYS A 160 10.30 -11.60 9.49
N ARG A 161 11.34 -10.81 9.78
CA ARG A 161 11.84 -10.78 11.16
C ARG A 161 10.79 -10.23 12.10
N LEU A 162 10.07 -9.20 11.68
CA LEU A 162 9.03 -8.66 12.55
C LEU A 162 7.99 -9.71 12.88
N LEU A 163 7.58 -10.49 11.88
CA LEU A 163 6.50 -11.45 12.05
C LEU A 163 6.95 -12.76 12.66
N GLY A 164 8.23 -13.12 12.56
CA GLY A 164 8.62 -14.46 12.94
C GLY A 164 8.44 -15.48 11.84
N VAL A 165 8.38 -15.03 10.58
CA VAL A 165 8.29 -15.87 9.41
C VAL A 165 9.70 -16.13 8.90
N PRO A 166 10.11 -17.39 8.67
CA PRO A 166 11.50 -17.67 8.29
C PRO A 166 11.80 -17.14 6.90
N TYR A 167 12.83 -16.30 6.81
CA TYR A 167 13.22 -15.78 5.50
C TYR A 167 13.68 -16.90 4.58
N ALA A 168 14.05 -18.06 5.13
CA ALA A 168 14.41 -19.20 4.29
C ALA A 168 13.32 -19.56 3.29
N ASP A 169 12.05 -19.27 3.60
CA ASP A 169 10.96 -19.57 2.69
C ASP A 169 10.59 -18.40 1.78
N HIS A 170 11.52 -17.47 1.53
CA HIS A 170 11.11 -16.22 0.90
C HIS A 170 10.67 -16.40 -0.54
N GLU A 171 11.32 -17.28 -1.30
CA GLU A 171 10.88 -17.50 -2.67
C GLU A 171 9.42 -17.96 -2.70
N PHE A 172 9.02 -18.78 -1.73
CA PHE A 172 7.65 -19.28 -1.71
C PHE A 172 6.65 -18.15 -1.43
N PHE A 173 6.83 -17.42 -0.33
CA PHE A 173 5.78 -16.45 -0.03
C PHE A 173 5.91 -15.17 -0.85
N GLN A 174 7.12 -14.82 -1.33
CA GLN A 174 7.20 -13.69 -2.25
C GLN A 174 6.40 -13.98 -3.53
N ASP A 175 6.48 -15.22 -4.02
CA ASP A 175 5.72 -15.58 -5.22
C ASP A 175 4.23 -15.61 -4.95
N ALA A 176 3.82 -16.23 -3.84
CA ALA A 176 2.40 -16.24 -3.47
C ALA A 176 1.90 -14.82 -3.28
N SER A 177 2.72 -13.95 -2.67
CA SER A 177 2.32 -12.56 -2.44
C SER A 177 2.06 -11.85 -3.76
N LYS A 178 2.97 -12.03 -4.72
CA LYS A 178 2.80 -11.42 -6.02
C LYS A 178 1.51 -11.91 -6.68
N ARG A 179 1.31 -13.23 -6.70
CA ARG A 179 0.12 -13.78 -7.34
C ARG A 179 -1.15 -13.25 -6.71
N LEU A 180 -1.16 -13.08 -5.38
CA LEU A 180 -2.38 -12.61 -4.73
C LEU A 180 -2.67 -11.16 -5.11
N VAL A 181 -1.65 -10.31 -5.08
CA VAL A 181 -1.84 -8.87 -5.28
C VAL A 181 -2.11 -8.55 -6.73
N GLN A 182 -1.51 -9.30 -7.65
CA GLN A 182 -1.50 -8.92 -9.06
C GLN A 182 -2.39 -9.76 -9.96
N SER A 183 -3.02 -10.81 -9.44
CA SER A 183 -3.86 -11.64 -10.29
C SER A 183 -5.11 -10.88 -10.73
N THR A 184 -5.60 -11.24 -11.92
CA THR A 184 -6.77 -10.59 -12.49
C THR A 184 -8.01 -11.47 -12.46
N ASP A 185 -7.91 -12.70 -11.94
CA ASP A 185 -9.04 -13.61 -11.86
C ASP A 185 -9.16 -14.12 -10.44
N ALA A 186 -10.39 -14.47 -10.05
CA ALA A 186 -10.63 -14.93 -8.69
C ALA A 186 -9.92 -16.25 -8.40
N GLN A 187 -9.87 -17.14 -9.38
CA GLN A 187 -9.27 -18.45 -9.18
C GLN A 187 -7.78 -18.34 -8.82
N SER A 188 -7.04 -17.52 -9.57
CA SER A 188 -5.62 -17.35 -9.30
C SER A 188 -5.38 -16.73 -7.93
N ALA A 189 -6.19 -15.73 -7.57
CA ALA A 189 -6.06 -15.11 -6.26
C ALA A 189 -6.40 -16.07 -5.14
N LEU A 190 -7.48 -16.84 -5.29
CA LEU A 190 -7.86 -17.78 -4.24
C LEU A 190 -6.79 -18.84 -4.03
N THR A 191 -6.13 -19.27 -5.11
CA THR A 191 -5.07 -20.26 -4.96
C THR A 191 -3.91 -19.68 -4.18
N ALA A 192 -3.47 -18.47 -4.55
CA ALA A 192 -2.36 -17.85 -3.83
C ALA A 192 -2.70 -17.66 -2.36
N ARG A 193 -3.94 -17.24 -2.07
CA ARG A 193 -4.35 -17.09 -0.68
C ARG A 193 -4.31 -18.42 0.05
N ASN A 194 -4.80 -19.48 -0.58
CA ASN A 194 -4.77 -20.79 0.07
C ASN A 194 -3.35 -21.27 0.31
N ASP A 195 -2.43 -20.98 -0.62
CA ASP A 195 -1.03 -21.37 -0.42
C ASP A 195 -0.46 -20.71 0.83
N LEU A 196 -0.66 -19.40 0.98
CA LEU A 196 -0.14 -18.69 2.13
C LEU A 196 -0.83 -19.15 3.41
N ALA A 197 -2.13 -19.38 3.36
CA ALA A 197 -2.87 -19.79 4.55
C ALA A 197 -2.37 -21.13 5.07
N GLY A 198 -2.17 -22.10 4.17
CA GLY A 198 -1.68 -23.40 4.61
C GLY A 198 -0.30 -23.30 5.22
N TYR A 199 0.57 -22.48 4.62
CA TYR A 199 1.90 -22.23 5.17
C TYR A 199 1.81 -21.62 6.56
N LEU A 200 1.01 -20.57 6.71
CA LEU A 200 0.87 -19.91 8.01
C LEU A 200 0.19 -20.81 9.03
N ASP A 201 -0.74 -21.68 8.60
CA ASP A 201 -1.33 -22.59 9.56
C ASP A 201 -0.29 -23.58 10.11
N GLY A 202 0.60 -24.05 9.25
CA GLY A 202 1.67 -24.92 9.73
C GLY A 202 2.63 -24.21 10.66
N LEU A 203 2.90 -22.92 10.40
CA LEU A 203 3.80 -22.17 11.28
C LEU A 203 3.19 -22.01 12.66
N ILE A 204 1.87 -21.78 12.72
CA ILE A 204 1.18 -21.70 14.00
C ILE A 204 1.37 -22.98 14.80
N THR A 205 1.18 -24.12 14.15
CA THR A 205 1.35 -25.39 14.84
C THR A 205 2.78 -25.57 15.34
N GLN A 206 3.75 -25.17 14.52
CA GLN A 206 5.15 -25.23 14.95
C GLN A 206 5.38 -24.38 16.19
N PHE A 207 4.77 -23.20 16.27
CA PHE A 207 4.94 -22.33 17.44
C PHE A 207 4.22 -22.88 18.66
N GLN A 208 3.13 -23.60 18.47
CA GLN A 208 2.49 -24.28 19.59
C GLN A 208 3.39 -25.39 20.15
N THR A 209 4.24 -25.98 19.31
CA THR A 209 5.23 -26.94 19.79
C THR A 209 6.41 -26.24 20.43
N GLU A 210 6.91 -25.19 19.78
CA GLU A 210 8.14 -24.52 20.19
C GLU A 210 7.87 -23.02 20.10
N PRO A 211 7.54 -22.37 21.22
CA PRO A 211 7.17 -20.95 21.17
C PRO A 211 8.21 -20.14 20.42
N GLY A 212 7.74 -19.32 19.48
CA GLY A 212 8.58 -18.72 18.47
C GLY A 212 8.75 -17.22 18.63
N ALA A 213 9.68 -16.69 17.84
CA ALA A 213 9.96 -15.27 17.82
C ALA A 213 8.89 -14.53 17.04
N GLY A 214 8.85 -13.21 17.24
CA GLY A 214 8.09 -12.36 16.33
C GLY A 214 6.62 -12.27 16.68
N LEU A 215 5.90 -11.50 15.85
CA LEU A 215 4.50 -11.20 16.17
C LEU A 215 3.62 -12.43 16.02
N VAL A 216 3.85 -13.25 14.99
CA VAL A 216 3.08 -14.50 14.90
C VAL A 216 3.33 -15.36 16.13
N GLY A 217 4.59 -15.45 16.58
CA GLY A 217 4.89 -16.18 17.80
C GLY A 217 4.12 -15.63 19.00
N ALA A 218 4.05 -14.30 19.11
CA ALA A 218 3.40 -13.69 20.26
C ALA A 218 1.89 -13.92 20.21
N LEU A 219 1.27 -13.81 19.03
CA LEU A 219 -0.17 -14.05 18.90
C LEU A 219 -0.52 -15.51 19.21
N VAL A 220 0.32 -16.44 18.77
CA VAL A 220 0.07 -17.86 19.10
C VAL A 220 0.15 -18.10 20.60
N ALA A 221 1.16 -17.52 21.25
CA ALA A 221 1.40 -17.84 22.66
C ALA A 221 0.39 -17.17 23.57
N ASP A 222 -0.18 -16.05 23.15
CA ASP A 222 -1.04 -15.30 24.05
C ASP A 222 -2.48 -15.32 23.60
N GLN A 223 -2.82 -14.51 22.59
CA GLN A 223 -4.21 -14.34 22.20
C GLN A 223 -4.84 -15.63 21.73
N LEU A 224 -4.14 -16.41 20.89
CA LEU A 224 -4.71 -17.66 20.41
C LEU A 224 -4.88 -18.66 21.56
N ALA A 225 -3.88 -18.77 22.41
CA ALA A 225 -3.97 -19.68 23.57
C ALA A 225 -5.10 -19.30 24.51
N ASN A 226 -5.54 -18.04 24.49
CA ASN A 226 -6.64 -17.58 25.33
C ASN A 226 -7.97 -17.54 24.59
N GLY A 227 -8.01 -18.03 23.36
CA GLY A 227 -9.22 -18.02 22.57
C GLY A 227 -9.68 -16.63 22.18
N GLU A 228 -8.79 -15.65 22.24
CA GLU A 228 -9.19 -14.26 21.98
C GLU A 228 -9.09 -13.90 20.51
N ILE A 229 -8.41 -14.70 19.71
CA ILE A 229 -8.41 -14.58 18.26
C ILE A 229 -8.62 -15.97 17.70
N ASP A 230 -9.43 -16.08 16.66
CA ASP A 230 -9.59 -17.36 16.00
C ASP A 230 -8.29 -17.71 15.27
N ARG A 231 -8.01 -19.01 15.21
CA ARG A 231 -6.84 -19.47 14.46
C ARG A 231 -6.83 -18.90 13.04
N GLU A 232 -7.97 -18.90 12.37
CA GLU A 232 -8.02 -18.44 10.99
C GLU A 232 -7.97 -16.92 10.90
N GLU A 233 -8.42 -16.20 11.94
CA GLU A 233 -8.16 -14.76 12.02
C GLU A 233 -6.68 -14.47 12.13
N LEU A 234 -5.97 -15.25 12.95
CA LEU A 234 -4.52 -15.06 13.07
C LEU A 234 -3.85 -15.23 11.71
N ILE A 235 -4.28 -16.23 10.95
CA ILE A 235 -3.74 -16.45 9.62
C ILE A 235 -3.97 -15.24 8.73
N SER A 236 -5.23 -14.76 8.69
CA SER A 236 -5.56 -13.58 7.88
C SER A 236 -4.76 -12.37 8.31
N THR A 237 -4.57 -12.21 9.62
CA THR A 237 -3.84 -11.06 10.15
C THR A 237 -2.37 -11.14 9.77
N ALA A 238 -1.76 -12.32 9.96
CA ALA A 238 -0.37 -12.49 9.53
C ALA A 238 -0.24 -12.27 8.03
N MET A 239 -1.20 -12.74 7.26
CA MET A 239 -1.11 -12.59 5.81
C MET A 239 -1.20 -11.13 5.39
N LEU A 240 -2.13 -10.37 5.97
CA LEU A 240 -2.21 -8.93 5.72
C LEU A 240 -0.85 -8.27 5.94
N LEU A 241 -0.24 -8.51 7.09
CA LEU A 241 1.01 -7.82 7.43
C LEU A 241 2.14 -8.30 6.54
N LEU A 242 2.15 -9.59 6.22
CA LEU A 242 3.23 -10.13 5.39
C LEU A 242 3.18 -9.54 3.99
N ILE A 243 1.99 -9.53 3.39
CA ILE A 243 1.84 -9.03 2.03
C ILE A 243 2.01 -7.51 2.01
N ALA A 244 1.34 -6.80 2.91
CA ALA A 244 1.53 -5.35 2.94
C ALA A 244 2.98 -5.01 3.23
N GLY A 245 3.61 -5.77 4.12
CA GLY A 245 5.02 -5.53 4.43
C GLY A 245 5.92 -5.64 3.22
N HIS A 246 5.61 -6.57 2.31
CA HIS A 246 6.38 -6.78 1.08
C HIS A 246 6.08 -5.70 0.04
N GLU A 247 4.83 -5.69 -0.42
CA GLU A 247 4.50 -5.11 -1.72
C GLU A 247 4.50 -3.59 -1.68
N THR A 248 4.00 -3.01 -0.59
CA THR A 248 3.83 -1.55 -0.54
C THR A 248 5.16 -0.84 -0.60
N THR A 249 6.06 -1.16 0.35
CA THR A 249 7.36 -0.51 0.42
C THR A 249 8.16 -0.74 -0.85
N ALA A 250 8.12 -1.95 -1.41
CA ALA A 250 8.86 -2.21 -2.64
C ALA A 250 8.39 -1.28 -3.78
N SER A 251 7.08 -1.07 -3.89
CA SER A 251 6.56 -0.16 -4.92
C SER A 251 6.98 1.29 -4.67
N MET A 252 6.96 1.74 -3.42
CA MET A 252 7.40 3.11 -3.15
C MET A 252 8.85 3.28 -3.55
N THR A 253 9.69 2.27 -3.31
CA THR A 253 11.10 2.39 -3.64
C THR A 253 11.30 2.55 -5.15
N SER A 254 10.72 1.65 -5.94
N SER A 254 10.73 1.65 -5.94
CA SER A 254 10.92 1.70 -7.39
CA SER A 254 10.92 1.70 -7.39
C SER A 254 10.31 2.96 -7.99
C SER A 254 10.34 2.99 -7.96
N LEU A 255 9.11 3.33 -7.56
CA LEU A 255 8.48 4.54 -8.09
C LEU A 255 9.20 5.81 -7.63
N SER A 256 9.73 5.83 -6.40
CA SER A 256 10.48 7.01 -5.96
C SER A 256 11.78 7.18 -6.75
N VAL A 257 12.47 6.09 -7.05
CA VAL A 257 13.67 6.20 -7.87
C VAL A 257 13.32 6.74 -9.25
N ILE A 258 12.27 6.19 -9.86
CA ILE A 258 11.87 6.68 -11.19
C ILE A 258 11.56 8.17 -11.11
N THR A 259 10.74 8.55 -10.13
CA THR A 259 10.32 9.93 -10.01
C THR A 259 11.49 10.86 -9.73
N LEU A 260 12.41 10.47 -8.84
CA LEU A 260 13.50 11.37 -8.50
C LEU A 260 14.44 11.55 -9.68
N LEU A 261 14.72 10.48 -10.41
CA LEU A 261 15.58 10.59 -11.59
C LEU A 261 14.97 11.48 -12.67
N ASP A 262 13.63 11.56 -12.71
CA ASP A 262 12.95 12.50 -13.61
C ASP A 262 12.88 13.92 -13.06
N HIS A 263 13.32 14.18 -11.83
CA HIS A 263 13.35 15.52 -11.26
C HIS A 263 14.74 15.75 -10.69
N PRO A 264 15.76 15.82 -11.57
CA PRO A 264 17.14 15.77 -11.09
C PRO A 264 17.54 16.95 -10.24
N GLU A 265 16.94 18.13 -10.45
CA GLU A 265 17.27 19.26 -9.58
C GLU A 265 16.90 18.95 -8.14
N GLN A 266 15.71 18.37 -7.92
CA GLN A 266 15.30 18.05 -6.55
C GLN A 266 16.09 16.87 -5.99
N TYR A 267 16.39 15.88 -6.83
CA TYR A 267 17.24 14.78 -6.36
C TYR A 267 18.60 15.30 -5.93
N ALA A 268 19.19 16.21 -6.71
CA ALA A 268 20.48 16.77 -6.33
C ALA A 268 20.39 17.56 -5.04
N ALA A 269 19.32 18.35 -4.87
CA ALA A 269 19.14 19.09 -3.63
C ALA A 269 19.01 18.14 -2.46
N LEU A 270 18.32 17.02 -2.66
CA LEU A 270 18.18 16.01 -1.61
C LEU A 270 19.52 15.42 -1.23
N ARG A 271 20.36 15.10 -2.22
CA ARG A 271 21.67 14.51 -1.91
C ARG A 271 22.52 15.49 -1.11
N ALA A 272 22.39 16.77 -1.41
CA ALA A 272 23.21 17.82 -0.82
C ALA A 272 22.79 18.17 0.60
N ASP A 273 21.57 17.82 1.01
CA ASP A 273 21.09 18.16 2.35
C ASP A 273 20.16 17.04 2.80
N ARG A 274 20.72 16.07 3.54
CA ARG A 274 19.94 14.91 3.96
C ARG A 274 18.87 15.24 4.99
N SER A 275 18.91 16.43 5.60
CA SER A 275 17.80 16.78 6.48
C SER A 275 16.50 16.98 5.70
N LEU A 276 16.59 17.04 4.37
CA LEU A 276 15.39 17.13 3.55
C LEU A 276 14.74 15.77 3.29
N VAL A 277 15.38 14.65 3.65
CA VAL A 277 14.81 13.35 3.30
C VAL A 277 13.45 13.11 3.95
N PRO A 278 13.24 13.38 5.24
CA PRO A 278 11.91 13.11 5.79
C PRO A 278 10.80 13.85 5.06
N GLY A 279 11.02 15.13 4.74
CA GLY A 279 10.02 15.87 3.97
C GLY A 279 9.87 15.33 2.56
N ALA A 280 10.97 14.91 1.94
CA ALA A 280 10.89 14.35 0.59
C ALA A 280 10.07 13.06 0.60
N VAL A 281 10.23 12.25 1.64
CA VAL A 281 9.44 11.02 1.74
C VAL A 281 7.96 11.35 1.85
N GLU A 282 7.60 12.35 2.66
CA GLU A 282 6.19 12.75 2.72
C GLU A 282 5.69 13.20 1.36
N GLU A 283 6.46 14.02 0.65
CA GLU A 283 6.02 14.48 -0.67
C GLU A 283 5.88 13.32 -1.65
N LEU A 284 6.81 12.36 -1.62
CA LEU A 284 6.73 11.22 -2.53
C LEU A 284 5.53 10.36 -2.20
N LEU A 285 5.22 10.20 -0.91
CA LEU A 285 4.03 9.45 -0.52
C LEU A 285 2.77 10.15 -1.05
N ARG A 286 2.69 11.47 -0.85
CA ARG A 286 1.55 12.24 -1.37
C ARG A 286 1.42 12.06 -2.86
N TYR A 287 2.53 12.22 -3.57
CA TYR A 287 2.54 12.36 -5.03
C TYR A 287 2.33 11.04 -5.74
N LEU A 288 2.86 9.95 -5.18
CA LEU A 288 2.79 8.65 -5.84
C LEU A 288 1.57 7.86 -5.41
N ALA A 289 1.05 8.14 -4.22
CA ALA A 289 -0.18 7.55 -3.69
C ALA A 289 -0.50 6.16 -4.26
N ILE A 290 0.27 5.16 -3.86
CA ILE A 290 0.24 3.87 -4.55
C ILE A 290 -0.93 2.99 -4.17
N ALA A 291 -1.74 3.36 -3.18
CA ALA A 291 -2.74 2.43 -2.66
C ALA A 291 -4.20 2.90 -2.75
N ASP A 292 -4.67 3.43 -3.89
CA ASP A 292 -6.12 3.64 -4.06
C ASP A 292 -6.90 2.34 -3.93
N ILE A 293 -6.26 1.21 -4.23
CA ILE A 293 -6.90 -0.09 -4.12
C ILE A 293 -7.40 -0.36 -2.70
N ALA A 294 -6.98 0.45 -1.73
CA ALA A 294 -7.38 0.28 -0.35
C ALA A 294 -8.30 1.40 0.13
N GLY A 295 -9.16 1.92 -0.74
CA GLY A 295 -10.08 2.97 -0.35
C GLY A 295 -11.55 2.58 -0.30
N GLY A 296 -11.87 1.32 -0.51
CA GLY A 296 -13.27 0.89 -0.65
C GLY A 296 -14.05 0.88 0.66
N ARG A 297 -15.31 1.28 0.56
CA ARG A 297 -16.23 1.35 1.70
C ARG A 297 -17.61 0.97 1.21
N VAL A 298 -18.50 0.58 2.13
CA VAL A 298 -19.91 0.38 1.78
C VAL A 298 -20.75 1.12 2.81
N ALA A 299 -21.73 1.88 2.32
CA ALA A 299 -22.62 2.61 3.20
C ALA A 299 -23.61 1.65 3.86
N THR A 300 -23.70 1.72 5.19
CA THR A 300 -24.71 0.99 5.95
C THR A 300 -25.90 1.87 6.28
N ALA A 301 -25.84 3.15 5.93
CA ALA A 301 -26.92 4.12 6.14
C ALA A 301 -26.76 5.23 5.11
N ASP A 302 -27.86 5.96 4.86
CA ASP A 302 -27.78 7.14 4.01
C ASP A 302 -26.79 8.15 4.57
N ILE A 303 -26.01 8.77 3.69
CA ILE A 303 -25.08 9.82 4.09
C ILE A 303 -25.27 11.01 3.16
N GLU A 304 -25.52 12.18 3.74
N GLU A 304 -25.51 12.18 3.74
CA GLU A 304 -25.60 13.42 2.98
CA GLU A 304 -25.61 13.41 2.97
C GLU A 304 -24.22 14.05 2.89
C GLU A 304 -24.24 14.07 2.90
N VAL A 305 -23.77 14.33 1.67
CA VAL A 305 -22.44 14.88 1.43
C VAL A 305 -22.61 16.12 0.54
N GLU A 306 -22.65 17.29 1.16
CA GLU A 306 -22.66 18.57 0.43
C GLU A 306 -23.72 18.58 -0.67
N GLY A 307 -24.92 18.08 -0.34
CA GLY A 307 -26.02 18.08 -1.26
C GLY A 307 -26.18 16.83 -2.09
N GLN A 308 -25.15 15.98 -2.17
CA GLN A 308 -25.27 14.68 -2.81
C GLN A 308 -25.59 13.62 -1.76
N LEU A 309 -26.34 12.60 -2.16
CA LEU A 309 -26.81 11.58 -1.24
C LEU A 309 -26.14 10.25 -1.58
N ILE A 310 -25.38 9.71 -0.63
CA ILE A 310 -24.95 8.32 -0.68
C ILE A 310 -26.02 7.50 0.02
N ARG A 311 -26.58 6.53 -0.67
N ARG A 311 -26.56 6.52 -0.67
CA ARG A 311 -27.66 5.73 -0.11
CA ARG A 311 -27.62 5.70 -0.13
C ARG A 311 -27.10 4.46 0.53
C ARG A 311 -27.05 4.48 0.58
N ALA A 312 -27.75 4.04 1.62
CA ALA A 312 -27.41 2.77 2.27
C ALA A 312 -27.32 1.67 1.23
N GLY A 313 -26.25 0.88 1.31
CA GLY A 313 -26.01 -0.16 0.35
C GLY A 313 -25.19 0.22 -0.84
N GLU A 314 -24.84 1.49 -1.00
CA GLU A 314 -23.98 1.90 -2.11
C GLU A 314 -22.50 1.76 -1.77
N GLY A 315 -21.72 1.42 -2.78
CA GLY A 315 -20.27 1.39 -2.63
C GLY A 315 -19.64 2.76 -2.83
N VAL A 316 -18.54 3.00 -2.09
CA VAL A 316 -17.83 4.27 -2.10
C VAL A 316 -16.35 3.96 -2.07
N ILE A 317 -15.58 4.53 -3.00
CA ILE A 317 -14.13 4.38 -3.00
C ILE A 317 -13.51 5.75 -2.73
N VAL A 318 -12.77 5.86 -1.64
CA VAL A 318 -12.06 7.09 -1.29
C VAL A 318 -10.74 7.04 -2.04
N VAL A 319 -10.59 7.86 -3.07
CA VAL A 319 -9.46 7.73 -4.00
C VAL A 319 -8.40 8.69 -3.48
N ASN A 320 -7.48 8.17 -2.67
CA ASN A 320 -6.57 9.08 -2.00
C ASN A 320 -5.57 9.71 -2.96
N SER A 321 -5.27 9.07 -4.10
CA SER A 321 -4.37 9.70 -5.05
C SER A 321 -4.96 10.98 -5.62
N ILE A 322 -6.26 10.97 -5.91
CA ILE A 322 -6.91 12.17 -6.43
C ILE A 322 -7.05 13.22 -5.34
N ALA A 323 -7.43 12.79 -4.14
CA ALA A 323 -7.52 13.70 -3.00
C ALA A 323 -6.19 14.36 -2.71
N ASN A 324 -5.07 13.62 -2.90
CA ASN A 324 -3.74 14.16 -2.68
C ASN A 324 -3.32 15.17 -3.74
N ARG A 325 -4.11 15.34 -4.80
CA ARG A 325 -3.84 16.35 -5.81
C ARG A 325 -4.88 17.47 -5.74
N ASP A 326 -5.46 17.68 -4.57
CA ASP A 326 -6.45 18.73 -4.34
C ASP A 326 -5.71 20.05 -4.16
N GLY A 327 -5.84 20.95 -5.14
CA GLY A 327 -5.10 22.20 -5.12
C GLY A 327 -5.51 23.17 -4.03
N THR A 328 -6.65 22.95 -3.37
CA THR A 328 -6.97 23.78 -2.20
C THR A 328 -6.17 23.39 -0.99
N VAL A 329 -5.48 22.25 -1.02
CA VAL A 329 -4.60 21.83 0.06
C VAL A 329 -3.13 21.94 -0.34
N TYR A 330 -2.80 21.52 -1.56
CA TYR A 330 -1.42 21.52 -2.07
C TYR A 330 -1.34 22.43 -3.28
N GLU A 331 -0.78 23.63 -3.10
CA GLU A 331 -0.69 24.57 -4.21
C GLU A 331 0.14 23.99 -5.34
N ASP A 332 -0.37 24.14 -6.57
CA ASP A 332 0.20 23.49 -7.73
C ASP A 332 0.33 21.98 -7.47
N PRO A 333 -0.80 21.28 -7.29
CA PRO A 333 -0.74 19.92 -6.72
C PRO A 333 -0.03 18.91 -7.59
N ASP A 334 0.06 19.12 -8.89
CA ASP A 334 0.71 18.15 -9.75
C ASP A 334 2.20 18.40 -9.88
N ALA A 335 2.74 19.38 -9.15
CA ALA A 335 4.17 19.63 -9.12
C ALA A 335 4.78 18.83 -7.97
N LEU A 336 5.78 18.02 -8.28
CA LEU A 336 6.61 17.45 -7.23
C LEU A 336 7.42 18.57 -6.59
N ASP A 337 7.34 18.69 -5.26
CA ASP A 337 8.12 19.70 -4.54
C ASP A 337 8.52 19.11 -3.20
N ILE A 338 9.76 18.63 -3.10
CA ILE A 338 10.22 18.01 -1.86
C ILE A 338 10.33 19.01 -0.72
N HIS A 339 10.25 20.33 -1.00
CA HIS A 339 10.29 21.35 0.03
C HIS A 339 8.91 21.79 0.50
N ARG A 340 7.85 21.46 -0.24
CA ARG A 340 6.51 21.86 0.19
C ARG A 340 6.15 21.17 1.49
N SER A 341 5.08 21.65 2.11
CA SER A 341 4.43 20.91 3.17
C SER A 341 3.48 19.91 2.54
N ALA A 342 3.85 18.63 2.57
CA ALA A 342 2.94 17.56 2.21
C ALA A 342 2.17 17.03 3.40
N ARG A 343 2.14 17.80 4.50
CA ARG A 343 1.34 17.42 5.66
C ARG A 343 -0.10 17.15 5.27
N HIS A 344 -0.73 16.25 6.03
CA HIS A 344 -2.14 15.88 5.93
C HIS A 344 -2.45 15.08 4.68
N HIS A 345 -1.43 14.55 3.99
CA HIS A 345 -1.76 13.74 2.83
C HIS A 345 -2.46 12.46 3.27
N LEU A 346 -3.12 11.83 2.30
CA LEU A 346 -3.96 10.67 2.56
C LEU A 346 -3.38 9.38 1.99
N ALA A 347 -2.07 9.33 1.72
CA ALA A 347 -1.52 8.12 1.13
C ALA A 347 -1.67 6.92 2.05
N PHE A 348 -1.76 7.17 3.37
CA PHE A 348 -1.93 6.12 4.37
C PHE A 348 -3.37 6.06 4.87
N GLY A 349 -4.29 6.78 4.27
CA GLY A 349 -5.63 6.87 4.81
C GLY A 349 -5.72 7.86 5.97
N PHE A 350 -6.79 7.72 6.75
CA PHE A 350 -7.16 8.63 7.82
C PHE A 350 -8.16 7.92 8.72
N GLY A 351 -8.02 8.13 10.04
CA GLY A 351 -9.01 7.60 10.97
C GLY A 351 -8.63 6.27 11.56
N VAL A 352 -9.62 5.46 11.92
CA VAL A 352 -9.29 4.28 12.72
C VAL A 352 -8.44 3.29 11.92
N HIS A 353 -8.55 3.29 10.60
CA HIS A 353 -7.80 2.36 9.75
C HIS A 353 -6.52 2.96 9.17
N GLN A 354 -6.09 4.16 9.60
CA GLN A 354 -4.85 4.70 9.05
C GLN A 354 -3.73 3.67 9.18
N CYS A 355 -2.96 3.54 8.09
CA CYS A 355 -2.00 2.45 7.88
C CYS A 355 -1.18 2.15 9.13
N LEU A 356 -1.32 0.92 9.63
CA LEU A 356 -0.54 0.51 10.79
C LEU A 356 0.95 0.51 10.48
N GLY A 357 1.32 0.24 9.24
CA GLY A 357 2.73 0.20 8.89
C GLY A 357 3.33 1.52 8.49
N GLN A 358 2.63 2.65 8.66
CA GLN A 358 3.06 3.90 8.03
C GLN A 358 4.44 4.32 8.51
N ASN A 359 4.74 4.12 9.78
CA ASN A 359 6.05 4.61 10.20
C ASN A 359 7.17 3.62 9.91
N LEU A 360 6.87 2.32 9.82
CA LEU A 360 7.86 1.42 9.24
C LEU A 360 8.14 1.79 7.80
N ALA A 361 7.09 2.12 7.03
CA ALA A 361 7.29 2.51 5.65
C ALA A 361 8.13 3.78 5.57
N ARG A 362 7.87 4.73 6.47
CA ARG A 362 8.64 5.98 6.43
C ARG A 362 10.11 5.73 6.76
N LEU A 363 10.37 4.87 7.75
CA LEU A 363 11.75 4.51 8.08
C LEU A 363 12.45 3.85 6.90
N GLU A 364 11.80 2.85 6.29
CA GLU A 364 12.46 2.13 5.21
C GLU A 364 12.78 3.04 4.04
N LEU A 365 11.85 3.91 3.65
N LEU A 365 11.83 3.90 3.64
CA LEU A 365 12.12 4.79 2.52
CA LEU A 365 12.08 4.81 2.54
C LEU A 365 13.22 5.79 2.83
C LEU A 365 13.23 5.77 2.85
N GLU A 366 13.27 6.29 4.07
CA GLU A 366 14.36 7.19 4.45
C GLU A 366 15.72 6.48 4.37
N VAL A 367 15.84 5.33 5.03
CA VAL A 367 17.09 4.57 4.97
C VAL A 367 17.44 4.24 3.52
N ILE A 368 16.44 3.85 2.73
CA ILE A 368 16.73 3.42 1.36
C ILE A 368 17.25 4.57 0.50
N LEU A 369 16.59 5.73 0.56
CA LEU A 369 17.04 6.86 -0.26
C LEU A 369 18.42 7.31 0.17
N ASN A 370 18.66 7.40 1.47
CA ASN A 370 19.99 7.76 1.94
C ASN A 370 21.03 6.75 1.48
N ALA A 371 20.68 5.47 1.51
CA ALA A 371 21.66 4.46 1.08
C ALA A 371 21.95 4.56 -0.41
N LEU A 372 20.92 4.76 -1.24
CA LEU A 372 21.16 4.85 -2.67
C LEU A 372 22.00 6.08 -3.01
N MET A 373 21.69 7.22 -2.40
CA MET A 373 22.48 8.43 -2.62
C MET A 373 23.90 8.27 -2.10
N ASP A 374 24.09 7.51 -1.02
CA ASP A 374 25.43 7.30 -0.46
C ASP A 374 26.23 6.33 -1.33
N ARG A 375 25.65 5.17 -1.66
CA ARG A 375 26.38 4.06 -2.25
C ARG A 375 26.32 4.05 -3.76
N VAL A 376 25.26 4.58 -4.37
CA VAL A 376 25.15 4.56 -5.82
C VAL A 376 24.74 5.93 -6.34
N PRO A 377 25.53 6.99 -6.09
CA PRO A 377 25.13 8.31 -6.58
C PRO A 377 25.00 8.40 -8.10
N THR A 378 25.65 7.51 -8.86
CA THR A 378 25.52 7.49 -10.32
C THR A 378 24.37 6.61 -10.81
N LEU A 379 23.49 6.16 -9.92
CA LEU A 379 22.38 5.32 -10.34
C LEU A 379 21.55 5.99 -11.44
N ARG A 380 21.15 5.21 -12.44
N ARG A 380 21.14 5.21 -12.43
CA ARG A 380 20.34 5.72 -13.54
CA ARG A 380 20.30 5.73 -13.49
C ARG A 380 19.59 4.56 -14.16
C ARG A 380 19.58 4.56 -14.14
N LEU A 381 18.45 4.88 -14.78
CA LEU A 381 17.68 3.85 -15.46
C LEU A 381 18.46 3.31 -16.65
N ALA A 382 18.36 2.01 -16.87
CA ALA A 382 19.02 1.37 -18.00
C ALA A 382 18.15 1.35 -19.26
N VAL A 383 16.90 1.79 -19.14
CA VAL A 383 15.98 1.94 -20.26
C VAL A 383 15.25 3.27 -20.12
N PRO A 384 14.60 3.75 -21.18
CA PRO A 384 13.80 4.97 -21.06
C PRO A 384 12.53 4.72 -20.25
N VAL A 385 12.07 5.79 -19.58
CA VAL A 385 10.90 5.68 -18.70
C VAL A 385 9.70 5.13 -19.47
N GLU A 386 9.49 5.62 -20.69
CA GLU A 386 8.35 5.19 -21.50
C GLU A 386 8.37 3.69 -21.79
N GLN A 387 9.53 3.03 -21.64
CA GLN A 387 9.61 1.60 -21.90
C GLN A 387 9.22 0.74 -20.71
N LEU A 388 9.14 1.32 -19.51
CA LEU A 388 8.74 0.55 -18.33
C LEU A 388 7.26 0.17 -18.43
N VAL A 389 6.90 -0.92 -17.76
CA VAL A 389 5.54 -1.44 -17.78
C VAL A 389 4.91 -1.18 -16.41
N LEU A 390 3.91 -0.30 -16.36
CA LEU A 390 3.26 0.05 -15.11
C LEU A 390 2.14 -0.93 -14.79
N ARG A 391 1.99 -1.25 -13.50
CA ARG A 391 0.87 -2.05 -13.04
C ARG A 391 -0.44 -1.31 -13.30
N PRO A 392 -1.54 -2.04 -13.50
CA PRO A 392 -2.85 -1.39 -13.71
C PRO A 392 -3.45 -0.87 -12.41
N GLY A 393 -4.52 -0.10 -12.55
CA GLY A 393 -5.14 0.52 -11.39
C GLY A 393 -5.93 -0.41 -10.50
N THR A 394 -6.05 -1.68 -10.87
CA THR A 394 -6.71 -2.67 -10.04
C THR A 394 -5.80 -3.23 -8.96
N THR A 395 -4.55 -2.78 -8.88
CA THR A 395 -3.64 -3.30 -7.86
C THR A 395 -2.82 -2.15 -7.30
N ILE A 396 -1.81 -2.47 -6.48
CA ILE A 396 -0.88 -1.46 -5.97
C ILE A 396 -0.05 -0.91 -7.12
N GLN A 397 0.07 0.42 -7.19
CA GLN A 397 0.83 1.05 -8.27
C GLN A 397 2.29 0.62 -8.22
N GLY A 398 2.91 0.57 -9.39
CA GLY A 398 4.33 0.34 -9.46
C GLY A 398 4.74 -0.29 -10.77
N VAL A 399 5.96 -0.81 -10.78
CA VAL A 399 6.56 -1.46 -11.94
C VAL A 399 7.01 -2.85 -11.52
N ASN A 400 6.82 -3.85 -12.39
CA ASN A 400 7.27 -5.19 -12.03
C ASN A 400 8.76 -5.40 -12.24
N GLU A 401 9.42 -4.61 -13.10
CA GLU A 401 10.87 -4.63 -13.28
C GLU A 401 11.40 -3.21 -13.48
N LEU A 402 12.62 -2.97 -13.04
CA LEU A 402 13.25 -1.65 -13.17
C LEU A 402 14.73 -1.80 -13.47
N PRO A 403 15.11 -1.92 -14.74
CA PRO A 403 16.52 -2.04 -15.09
C PRO A 403 17.29 -0.77 -14.76
N VAL A 404 18.43 -0.92 -14.07
CA VAL A 404 19.23 0.23 -13.67
C VAL A 404 20.70 -0.07 -13.94
N THR A 405 21.49 1.01 -14.06
CA THR A 405 22.93 0.89 -14.17
C THR A 405 23.57 2.02 -13.36
N TRP A 406 24.89 2.03 -13.29
CA TRP A 406 25.64 2.93 -12.42
C TRP A 406 27.12 2.82 -12.78
N HIS A 407 27.95 3.64 -12.12
CA HIS A 407 29.39 3.60 -12.28
C HIS A 407 29.96 2.46 -11.46
N HIS A 408 30.47 1.43 -12.14
CA HIS A 408 30.96 0.25 -11.45
C HIS A 408 32.16 0.58 -10.56
#